data_7U0M
#
_entry.id   7U0M
#
_cell.length_a   78.310
_cell.length_b   102.310
_cell.length_c   76.820
_cell.angle_alpha   90.000
_cell.angle_beta   114.170
_cell.angle_gamma   90.000
#
_symmetry.space_group_name_H-M   'C 1 2 1'
#
loop_
_entity.id
_entity.type
_entity.pdbx_description
1 polymer 'Enoyl-[acyl-carrier-protein] reductase [NADH]'
2 non-polymer NICOTINAMIDE-ADENINE-DINUCLEOTIDE
3 non-polymer 6-[(4,4-dimethylcyclohexyl)methyl]-4-hydroxy-3-phenylpyridin-2(1H)-one
4 non-polymer 'SODIUM ION'
5 water water
#
_entity_poly.entity_id   1
_entity_poly.type   'polypeptide(L)'
_entity_poly.pdbx_seq_one_letter_code
;MAHHHHHHMAGLLEGKRILVTGIITDSSIAFHIAKVAQEQGAELVLTGFDRLRLIERITQRLPKPAPLLELDVQNEEHLG
SLAGRISEVIGEGNKLDGVVHSIGFMPQSGMGVNPFFDAPFADVSKGFHISAFSYSSLAKAVLPVMNRGGSIVGMDFDPT
RAMPAYNWMTVAKSALESVNRFVAREAGKVGVRSNLVAAGPIRTLAMSAIVGGALGDEAGQQMQLLEEGWDQRAPIGWDM
KDPTPVAKTVCALLSDWLPATTGDIIFADGGAHTQLL
;
_entity_poly.pdbx_strand_id   A,B
#
loop_
_chem_comp.id
_chem_comp.type
_chem_comp.name
_chem_comp.formula
3KY non-polymer 6-[(4,4-dimethylcyclohexyl)methyl]-4-hydroxy-3-phenylpyridin-2(1H)-one 'C20 H25 N O2'
NA non-polymer 'SODIUM ION' 'Na 1'
NAD non-polymer NICOTINAMIDE-ADENINE-DINUCLEOTIDE 'C21 H27 N7 O14 P2'
#
# COMPACT_ATOMS: atom_id res chain seq x y z
N GLY A 11 -13.36 -15.23 -5.24
CA GLY A 11 -12.05 -14.81 -4.78
C GLY A 11 -11.78 -13.33 -4.93
N LEU A 12 -10.57 -12.91 -4.54
CA LEU A 12 -10.24 -11.49 -4.49
C LEU A 12 -10.34 -10.83 -5.85
N LEU A 13 -10.07 -11.57 -6.93
CA LEU A 13 -10.01 -11.05 -8.28
C LEU A 13 -11.06 -11.72 -9.17
N GLU A 14 -12.17 -12.14 -8.59
CA GLU A 14 -13.14 -12.95 -9.32
C GLU A 14 -13.61 -12.21 -10.57
N GLY A 15 -13.49 -12.88 -11.72
CA GLY A 15 -13.98 -12.34 -12.96
C GLY A 15 -13.08 -11.34 -13.65
N LYS A 16 -12.01 -10.88 -13.00
CA LYS A 16 -11.16 -9.88 -13.59
C LYS A 16 -10.28 -10.50 -14.65
N ARG A 17 -10.04 -9.75 -15.72
CA ARG A 17 -9.14 -10.17 -16.79
C ARG A 17 -7.82 -9.43 -16.60
N ILE A 18 -6.72 -10.17 -16.49
CA ILE A 18 -5.44 -9.58 -16.09
C ILE A 18 -4.33 -10.09 -17.01
N LEU A 19 -3.55 -9.15 -17.54
CA LEU A 19 -2.37 -9.47 -18.32
C LEU A 19 -1.15 -9.52 -17.40
N VAL A 20 -0.38 -10.61 -17.47
CA VAL A 20 0.80 -10.78 -16.63
C VAL A 20 2.00 -10.98 -17.52
N THR A 21 2.93 -10.03 -17.49
CA THR A 21 4.22 -10.16 -18.17
C THR A 21 5.24 -10.79 -17.22
N GLY A 22 6.35 -11.25 -17.78
CA GLY A 22 7.53 -11.51 -16.99
C GLY A 22 7.77 -12.91 -16.47
N ILE A 23 6.98 -13.90 -16.87
CA ILE A 23 7.30 -15.28 -16.49
C ILE A 23 8.43 -15.78 -17.38
N ILE A 24 9.49 -16.31 -16.76
CA ILE A 24 10.49 -17.07 -17.50
C ILE A 24 10.78 -18.41 -16.82
N THR A 25 10.73 -18.45 -15.48
CA THR A 25 10.89 -19.70 -14.74
C THR A 25 9.78 -19.79 -13.69
N ASP A 26 9.67 -20.96 -13.05
CA ASP A 26 8.72 -21.08 -11.96
C ASP A 26 9.20 -20.39 -10.67
N SER A 27 10.38 -19.77 -10.69
CA SER A 27 10.81 -18.91 -9.61
C SER A 27 10.59 -17.43 -9.91
N SER A 28 10.19 -17.08 -11.13
CA SER A 28 9.90 -15.68 -11.46
C SER A 28 8.82 -15.14 -10.53
N ILE A 29 9.00 -13.90 -10.07
CA ILE A 29 7.94 -13.27 -9.27
CA ILE A 29 7.94 -13.27 -9.27
C ILE A 29 6.63 -13.31 -10.03
N ALA A 30 6.67 -13.09 -11.35
CA ALA A 30 5.46 -13.11 -12.17
C ALA A 30 4.77 -14.47 -12.16
N PHE A 31 5.53 -15.57 -12.04
CA PHE A 31 4.90 -16.86 -11.92
C PHE A 31 4.01 -16.92 -10.70
N HIS A 32 4.49 -16.38 -9.57
CA HIS A 32 3.73 -16.44 -8.34
C HIS A 32 2.57 -15.44 -8.34
N ILE A 33 2.76 -14.27 -8.93
CA ILE A 33 1.65 -13.36 -9.16
C ILE A 33 0.55 -14.07 -9.95
N ALA A 34 0.93 -14.73 -11.05
CA ALA A 34 -0.05 -15.42 -11.88
C ALA A 34 -0.76 -16.53 -11.10
N LYS A 35 -0.01 -17.32 -10.34
CA LYS A 35 -0.59 -18.41 -9.55
C LYS A 35 -1.62 -17.90 -8.57
N VAL A 36 -1.26 -16.88 -7.78
CA VAL A 36 -2.19 -16.34 -6.79
C VAL A 36 -3.39 -15.70 -7.48
N ALA A 37 -3.15 -14.97 -8.58
CA ALA A 37 -4.26 -14.33 -9.28
C ALA A 37 -5.26 -15.36 -9.79
N GLN A 38 -4.78 -16.47 -10.36
CA GLN A 38 -5.70 -17.52 -10.81
C GLN A 38 -6.44 -18.14 -9.63
N GLU A 39 -5.72 -18.41 -8.53
CA GLU A 39 -6.39 -18.94 -7.34
C GLU A 39 -7.48 -18.02 -6.85
N GLN A 40 -7.34 -16.71 -7.10
CA GLN A 40 -8.32 -15.70 -6.70
C GLN A 40 -9.33 -15.37 -7.79
N GLY A 41 -9.42 -16.19 -8.83
CA GLY A 41 -10.51 -16.09 -9.79
C GLY A 41 -10.24 -15.27 -11.03
N ALA A 42 -9.02 -14.76 -11.21
CA ALA A 42 -8.72 -13.96 -12.38
C ALA A 42 -8.50 -14.84 -13.59
N GLU A 43 -8.88 -14.33 -14.75
CA GLU A 43 -8.60 -14.99 -16.03
CA GLU A 43 -8.62 -14.98 -16.04
C GLU A 43 -7.44 -14.27 -16.68
N LEU A 44 -6.34 -14.98 -16.88
CA LEU A 44 -5.10 -14.35 -17.28
C LEU A 44 -4.82 -14.43 -18.77
N VAL A 45 -4.15 -13.39 -19.25
CA VAL A 45 -3.40 -13.43 -20.50
C VAL A 45 -1.93 -13.26 -20.11
N LEU A 46 -1.07 -14.16 -20.57
CA LEU A 46 0.33 -14.11 -20.24
C LEU A 46 1.12 -13.60 -21.44
N THR A 47 2.23 -12.92 -21.17
CA THR A 47 3.16 -12.59 -22.23
C THR A 47 4.53 -13.17 -21.91
N GLY A 48 5.29 -13.47 -22.95
CA GLY A 48 6.63 -14.02 -22.78
C GLY A 48 7.58 -13.40 -23.77
N PHE A 49 8.85 -13.34 -23.36
CA PHE A 49 9.91 -12.77 -24.18
C PHE A 49 10.88 -13.86 -24.63
N ASP A 50 11.09 -13.95 -25.95
CA ASP A 50 12.16 -14.74 -26.56
C ASP A 50 11.93 -16.25 -26.49
N ARG A 51 12.07 -16.85 -25.31
CA ARG A 51 12.08 -18.31 -25.18
C ARG A 51 10.66 -18.85 -24.97
N LEU A 52 9.86 -18.71 -26.03
CA LEU A 52 8.42 -18.97 -25.92
C LEU A 52 8.11 -20.42 -25.59
N ARG A 53 8.84 -21.37 -26.18
CA ARG A 53 8.58 -22.78 -25.91
C ARG A 53 8.91 -23.12 -24.46
N LEU A 54 10.02 -22.59 -23.94
CA LEU A 54 10.34 -22.80 -22.53
C LEU A 54 9.29 -22.20 -21.63
N ILE A 55 8.80 -21.00 -21.96
CA ILE A 55 7.80 -20.34 -21.14
C ILE A 55 6.50 -21.14 -21.14
N GLU A 56 6.08 -21.65 -22.30
CA GLU A 56 4.89 -22.49 -22.37
C GLU A 56 4.99 -23.68 -21.40
N ARG A 57 6.17 -24.31 -21.35
CA ARG A 57 6.35 -25.43 -20.43
CA ARG A 57 6.37 -25.43 -20.43
C ARG A 57 6.18 -24.99 -18.98
N ILE A 58 6.68 -23.79 -18.64
CA ILE A 58 6.53 -23.28 -17.28
C ILE A 58 5.07 -22.94 -16.99
N THR A 59 4.41 -22.27 -17.93
CA THR A 59 3.05 -21.81 -17.66
C THR A 59 2.05 -22.96 -17.56
N GLN A 60 2.39 -24.13 -18.10
CA GLN A 60 1.49 -25.26 -17.90
CA GLN A 60 1.53 -25.30 -17.92
C GLN A 60 1.47 -25.76 -16.47
N ARG A 61 2.42 -25.31 -15.64
CA ARG A 61 2.46 -25.63 -14.22
CA ARG A 61 2.46 -25.63 -14.22
C ARG A 61 1.62 -24.68 -13.38
N LEU A 62 1.02 -23.64 -13.98
CA LEU A 62 0.15 -22.75 -13.25
C LEU A 62 -1.17 -23.46 -12.92
N PRO A 63 -1.97 -22.92 -11.99
CA PRO A 63 -3.24 -23.58 -11.63
C PRO A 63 -4.16 -23.83 -12.81
N LYS A 64 -4.17 -22.96 -13.81
CA LYS A 64 -5.07 -23.09 -14.95
C LYS A 64 -4.32 -22.77 -16.23
N PRO A 65 -4.54 -23.52 -17.31
CA PRO A 65 -3.91 -23.16 -18.59
C PRO A 65 -4.39 -21.81 -19.07
N ALA A 66 -3.46 -20.97 -19.50
CA ALA A 66 -3.78 -19.61 -19.94
C ALA A 66 -3.08 -19.32 -21.26
N PRO A 67 -3.64 -18.43 -22.08
CA PRO A 67 -3.01 -18.13 -23.37
C PRO A 67 -1.77 -17.25 -23.21
N LEU A 68 -0.80 -17.47 -24.11
CA LEU A 68 0.49 -16.80 -24.07
C LEU A 68 0.69 -16.00 -25.34
N LEU A 69 1.04 -14.71 -25.19
CA LEU A 69 1.36 -13.84 -26.30
C LEU A 69 2.83 -13.42 -26.25
N GLU A 70 3.46 -13.27 -27.40
CA GLU A 70 4.86 -12.85 -27.42
C GLU A 70 4.93 -11.34 -27.23
N LEU A 71 5.85 -10.89 -26.38
CA LEU A 71 6.06 -9.46 -26.19
C LEU A 71 7.51 -9.20 -25.81
N ASP A 72 8.25 -8.61 -26.74
CA ASP A 72 9.55 -8.00 -26.48
C ASP A 72 9.29 -6.51 -26.36
N VAL A 73 9.49 -5.94 -25.16
CA VAL A 73 9.14 -4.55 -24.94
C VAL A 73 10.04 -3.56 -25.68
N GLN A 74 11.14 -4.03 -26.26
CA GLN A 74 11.93 -3.18 -27.14
C GLN A 74 11.42 -3.19 -28.58
N ASN A 75 10.44 -4.01 -28.89
CA ASN A 75 9.97 -4.21 -30.25
C ASN A 75 8.70 -3.39 -30.43
N GLU A 76 8.79 -2.30 -31.19
CA GLU A 76 7.63 -1.43 -31.38
C GLU A 76 6.50 -2.10 -32.15
N GLU A 77 6.82 -3.10 -32.98
CA GLU A 77 5.75 -3.84 -33.65
C GLU A 77 4.97 -4.70 -32.65
N HIS A 78 5.67 -5.37 -31.73
CA HIS A 78 4.98 -6.10 -30.68
C HIS A 78 4.08 -5.19 -29.87
N LEU A 79 4.59 -4.02 -29.50
CA LEU A 79 3.81 -3.10 -28.68
C LEU A 79 2.61 -2.58 -29.45
N GLY A 80 2.79 -2.20 -30.71
CA GLY A 80 1.70 -1.63 -31.48
C GLY A 80 0.59 -2.62 -31.80
N SER A 81 0.92 -3.90 -31.86
CA SER A 81 -0.05 -4.94 -32.14
C SER A 81 -0.64 -5.55 -30.89
N LEU A 82 -0.15 -5.16 -29.70
CA LEU A 82 -0.49 -5.89 -28.48
C LEU A 82 -1.98 -5.77 -28.14
N ALA A 83 -2.54 -4.56 -28.24
CA ALA A 83 -3.96 -4.40 -27.89
C ALA A 83 -4.84 -5.30 -28.75
N GLY A 84 -4.60 -5.31 -30.06
CA GLY A 84 -5.38 -6.16 -30.94
C GLY A 84 -5.18 -7.65 -30.65
N ARG A 85 -3.96 -8.04 -30.30
CA ARG A 85 -3.71 -9.44 -29.96
C ARG A 85 -4.41 -9.82 -28.66
N ILE A 86 -4.44 -8.89 -27.70
CA ILE A 86 -5.20 -9.12 -26.47
C ILE A 86 -6.67 -9.31 -26.79
N SER A 87 -7.23 -8.43 -27.63
CA SER A 87 -8.64 -8.54 -27.99
C SER A 87 -8.95 -9.87 -28.66
N GLU A 88 -8.02 -10.37 -29.48
CA GLU A 88 -8.24 -11.69 -30.09
C GLU A 88 -8.32 -12.79 -29.04
N VAL A 89 -7.64 -12.61 -27.91
CA VAL A 89 -7.62 -13.64 -26.87
C VAL A 89 -8.82 -13.50 -25.94
N ILE A 90 -9.16 -12.27 -25.54
CA ILE A 90 -10.22 -12.10 -24.55
C ILE A 90 -11.59 -11.89 -25.18
N GLY A 91 -11.65 -11.68 -26.50
CA GLY A 91 -12.91 -11.41 -27.16
C GLY A 91 -13.05 -9.95 -27.51
N GLU A 92 -13.45 -9.68 -28.76
CA GLU A 92 -13.66 -8.30 -29.17
CA GLU A 92 -13.66 -8.30 -29.17
C GLU A 92 -14.75 -7.66 -28.33
N GLY A 93 -14.50 -6.44 -27.87
CA GLY A 93 -15.41 -5.76 -27.00
C GLY A 93 -15.12 -5.93 -25.52
N ASN A 94 -14.40 -6.99 -25.14
CA ASN A 94 -13.99 -7.16 -23.75
C ASN A 94 -12.70 -6.40 -23.49
N LYS A 95 -12.48 -6.06 -22.21
CA LYS A 95 -11.30 -5.29 -21.85
C LYS A 95 -10.62 -5.92 -20.63
N LEU A 96 -9.36 -5.53 -20.42
CA LEU A 96 -8.61 -5.97 -19.26
C LEU A 96 -8.94 -5.11 -18.04
N ASP A 97 -8.86 -5.74 -16.88
CA ASP A 97 -8.99 -5.02 -15.62
C ASP A 97 -7.64 -4.76 -14.96
N GLY A 98 -6.63 -5.54 -15.29
CA GLY A 98 -5.34 -5.41 -14.64
C GLY A 98 -4.22 -5.74 -15.59
N VAL A 99 -3.06 -5.11 -15.36
CA VAL A 99 -1.85 -5.36 -16.13
C VAL A 99 -0.68 -5.39 -15.16
N VAL A 100 0.17 -6.42 -15.26
CA VAL A 100 1.35 -6.55 -14.40
C VAL A 100 2.60 -6.47 -15.25
N HIS A 101 3.45 -5.48 -14.94
CA HIS A 101 4.79 -5.34 -15.49
C HIS A 101 5.75 -5.98 -14.47
N SER A 102 6.36 -7.10 -14.85
CA SER A 102 7.34 -7.78 -14.01
C SER A 102 8.57 -8.09 -14.88
N ILE A 103 9.16 -7.01 -15.39
CA ILE A 103 10.19 -7.06 -16.43
C ILE A 103 11.37 -6.23 -15.98
N GLY A 104 12.57 -6.80 -16.10
CA GLY A 104 13.78 -6.07 -15.81
C GLY A 104 14.94 -6.69 -16.56
N PHE A 105 15.98 -5.89 -16.77
CA PHE A 105 17.18 -6.35 -17.44
C PHE A 105 18.28 -5.31 -17.27
N MET A 106 19.51 -5.78 -17.01
CA MET A 106 20.65 -4.89 -17.05
C MET A 106 21.82 -5.78 -17.45
N PRO A 107 22.57 -5.42 -18.50
CA PRO A 107 23.73 -6.23 -18.88
C PRO A 107 24.74 -6.31 -17.74
N GLN A 108 25.60 -7.32 -17.81
CA GLN A 108 26.53 -7.56 -16.70
CA GLN A 108 26.54 -7.57 -16.71
C GLN A 108 27.45 -6.37 -16.46
N SER A 109 27.70 -5.54 -17.48
CA SER A 109 28.52 -4.36 -17.28
C SER A 109 27.88 -3.35 -16.35
N GLY A 110 26.56 -3.41 -16.16
CA GLY A 110 25.87 -2.41 -15.36
C GLY A 110 25.33 -2.90 -14.03
N MET A 111 25.42 -4.20 -13.77
CA MET A 111 24.93 -4.79 -12.52
C MET A 111 25.80 -6.01 -12.24
N GLY A 112 26.45 -6.01 -11.07
CA GLY A 112 27.44 -7.04 -10.76
C GLY A 112 28.71 -6.45 -10.19
N VAL A 113 29.89 -7.02 -10.51
CA VAL A 113 31.15 -6.53 -9.94
C VAL A 113 31.90 -5.56 -10.84
N ASN A 114 31.45 -5.34 -12.08
CA ASN A 114 32.10 -4.35 -12.93
C ASN A 114 31.94 -2.98 -12.29
N PRO A 115 32.99 -2.14 -12.31
CA PRO A 115 32.88 -0.80 -11.71
C PRO A 115 31.73 -0.01 -12.32
N PHE A 116 31.04 0.73 -11.44
CA PHE A 116 29.94 1.60 -11.86
C PHE A 116 30.35 2.52 -13.02
N PHE A 117 31.52 3.15 -12.92
CA PHE A 117 31.96 4.09 -13.95
C PHE A 117 32.24 3.44 -15.29
N ASP A 118 32.37 2.12 -15.34
CA ASP A 118 32.84 1.45 -16.54
C ASP A 118 31.71 0.84 -17.38
N ALA A 119 30.46 1.02 -16.98
CA ALA A 119 29.36 0.50 -17.80
C ALA A 119 29.24 1.35 -19.06
N PRO A 120 29.30 0.76 -20.25
CA PRO A 120 29.12 1.55 -21.47
C PRO A 120 27.70 2.06 -21.59
N PHE A 121 27.56 3.25 -22.18
CA PHE A 121 26.22 3.82 -22.32
C PHE A 121 25.26 2.89 -23.04
N ALA A 122 25.71 2.21 -24.10
CA ALA A 122 24.80 1.35 -24.84
C ALA A 122 24.16 0.29 -23.95
N ASP A 123 24.93 -0.23 -22.98
CA ASP A 123 24.40 -1.24 -22.07
C ASP A 123 23.44 -0.63 -21.07
N VAL A 124 23.78 0.54 -20.52
CA VAL A 124 22.89 1.19 -19.57
C VAL A 124 21.60 1.60 -20.26
N SER A 125 21.71 2.11 -21.49
CA SER A 125 20.52 2.50 -22.25
C SER A 125 19.57 1.32 -22.46
N LYS A 126 20.11 0.16 -22.87
CA LYS A 126 19.28 -1.03 -23.03
CA LYS A 126 19.29 -1.04 -23.04
C LYS A 126 18.59 -1.41 -21.73
N GLY A 127 19.34 -1.39 -20.62
CA GLY A 127 18.73 -1.72 -19.33
C GLY A 127 17.67 -0.72 -18.91
N PHE A 128 17.91 0.57 -19.18
CA PHE A 128 16.92 1.60 -18.93
C PHE A 128 15.67 1.39 -19.81
N HIS A 129 15.88 1.04 -21.08
CA HIS A 129 14.76 0.77 -21.97
C HIS A 129 13.87 -0.33 -21.42
N ILE A 130 14.46 -1.47 -21.06
CA ILE A 130 13.67 -2.62 -20.65
C ILE A 130 13.10 -2.42 -19.24
N SER A 131 13.89 -1.81 -18.35
CA SER A 131 13.52 -1.79 -16.95
C SER A 131 12.68 -0.59 -16.53
N ALA A 132 12.75 0.51 -17.28
CA ALA A 132 12.06 1.72 -16.87
C ALA A 132 11.17 2.28 -17.97
N PHE A 133 11.74 2.57 -19.13
CA PHE A 133 10.95 3.12 -20.23
C PHE A 133 9.77 2.22 -20.59
N SER A 134 9.98 0.90 -20.56
CA SER A 134 8.94 -0.03 -20.98
C SER A 134 7.74 -0.03 -20.06
N TYR A 135 7.84 0.49 -18.84
CA TYR A 135 6.63 0.62 -18.03
C TYR A 135 5.66 1.57 -18.70
N SER A 136 6.18 2.66 -19.27
CA SER A 136 5.36 3.59 -20.03
C SER A 136 4.90 2.96 -21.35
N SER A 137 5.82 2.29 -22.07
CA SER A 137 5.46 1.66 -23.34
C SER A 137 4.34 0.65 -23.17
N LEU A 138 4.45 -0.17 -22.12
CA LEU A 138 3.42 -1.17 -21.89
C LEU A 138 2.09 -0.51 -21.58
N ALA A 139 2.11 0.51 -20.73
CA ALA A 139 0.87 1.21 -20.39
C ALA A 139 0.22 1.82 -21.63
N LYS A 140 1.02 2.47 -22.47
CA LYS A 140 0.47 3.04 -23.70
C LYS A 140 -0.18 1.96 -24.56
N ALA A 141 0.46 0.79 -24.63
CA ALA A 141 -0.02 -0.31 -25.48
C ALA A 141 -1.31 -0.93 -24.95
N VAL A 142 -1.50 -0.94 -23.63
CA VAL A 142 -2.60 -1.70 -23.04
C VAL A 142 -3.80 -0.83 -22.68
N LEU A 143 -3.56 0.44 -22.36
CA LEU A 143 -4.66 1.31 -21.92
C LEU A 143 -5.86 1.33 -22.87
N PRO A 144 -5.71 1.32 -24.19
CA PRO A 144 -6.90 1.28 -25.06
C PRO A 144 -7.79 0.07 -24.83
N VAL A 145 -7.27 -0.99 -24.23
CA VAL A 145 -8.10 -2.17 -23.97
C VAL A 145 -8.21 -2.43 -22.47
N MET A 146 -8.18 -1.38 -21.67
CA MET A 146 -8.39 -1.50 -20.23
C MET A 146 -9.70 -0.84 -19.82
N ASN A 147 -10.40 -1.49 -18.88
CA ASN A 147 -11.61 -0.92 -18.33
C ASN A 147 -11.29 0.23 -17.37
N ARG A 148 -12.23 1.17 -17.29
CA ARG A 148 -12.25 2.10 -16.18
CA ARG A 148 -12.25 2.10 -16.18
C ARG A 148 -12.26 1.31 -14.88
N GLY A 149 -11.56 1.82 -13.87
CA GLY A 149 -11.41 1.08 -12.63
C GLY A 149 -10.26 0.10 -12.66
N GLY A 150 -9.53 0.01 -13.78
CA GLY A 150 -8.45 -0.95 -13.89
C GLY A 150 -7.20 -0.54 -13.12
N SER A 151 -6.20 -1.44 -13.16
CA SER A 151 -5.01 -1.30 -12.33
C SER A 151 -3.79 -1.81 -13.07
N ILE A 152 -2.75 -0.98 -13.14
CA ILE A 152 -1.44 -1.38 -13.69
C ILE A 152 -0.47 -1.42 -12.53
N VAL A 153 0.29 -2.52 -12.42
CA VAL A 153 1.23 -2.70 -11.31
C VAL A 153 2.58 -3.11 -11.90
N GLY A 154 3.65 -2.47 -11.43
CA GLY A 154 5.01 -2.86 -11.79
C GLY A 154 5.85 -3.24 -10.58
N MET A 155 6.97 -3.91 -10.81
CA MET A 155 7.83 -4.39 -9.74
C MET A 155 9.03 -3.48 -9.57
N ASP A 156 9.35 -3.14 -8.32
CA ASP A 156 10.40 -2.19 -7.96
C ASP A 156 11.29 -2.85 -6.91
N PHE A 157 12.54 -2.37 -6.83
CA PHE A 157 13.44 -2.68 -5.73
C PHE A 157 13.95 -1.35 -5.21
N ASP A 158 13.67 -1.04 -3.94
CA ASP A 158 13.84 0.31 -3.40
C ASP A 158 15.21 0.89 -3.74
N PRO A 159 15.24 1.96 -4.56
CA PRO A 159 16.51 2.55 -5.00
C PRO A 159 16.80 3.89 -4.33
N THR A 160 16.12 4.17 -3.22
CA THR A 160 16.29 5.45 -2.53
C THR A 160 17.72 5.66 -2.09
N ARG A 161 18.44 4.58 -1.79
CA ARG A 161 19.82 4.63 -1.35
CA ARG A 161 19.82 4.62 -1.34
C ARG A 161 20.68 3.74 -2.24
N ALA A 162 21.93 4.14 -2.43
CA ALA A 162 22.83 3.32 -3.24
C ALA A 162 23.26 2.08 -2.46
N MET A 163 23.81 1.12 -3.18
CA MET A 163 24.15 -0.16 -2.56
C MET A 163 25.15 -0.88 -3.46
N PRO A 164 25.84 -1.89 -2.94
CA PRO A 164 26.77 -2.65 -3.77
C PRO A 164 26.05 -3.40 -4.87
N ALA A 165 26.76 -3.56 -6.00
CA ALA A 165 26.43 -4.44 -7.12
C ALA A 165 25.20 -4.03 -7.95
N TYR A 166 24.13 -3.56 -7.30
CA TYR A 166 22.92 -3.24 -8.05
C TYR A 166 23.17 -2.11 -9.05
N ASN A 167 24.04 -1.16 -8.70
CA ASN A 167 24.63 -0.24 -9.66
C ASN A 167 23.61 0.40 -10.61
N TRP A 168 23.76 0.21 -11.93
CA TRP A 168 22.88 0.92 -12.84
C TRP A 168 21.45 0.39 -12.84
N MET A 169 21.23 -0.83 -12.35
CA MET A 169 19.84 -1.25 -12.13
C MET A 169 19.17 -0.39 -11.07
N THR A 170 19.93 0.09 -10.07
CA THR A 170 19.36 1.03 -9.10
C THR A 170 18.89 2.30 -9.79
N VAL A 171 19.71 2.81 -10.72
CA VAL A 171 19.35 4.02 -11.46
C VAL A 171 18.11 3.77 -12.31
N ALA A 172 18.03 2.58 -12.93
CA ALA A 172 16.84 2.24 -13.70
C ALA A 172 15.59 2.20 -12.82
N LYS A 173 15.70 1.67 -11.59
CA LYS A 173 14.56 1.66 -10.69
C LYS A 173 14.17 3.06 -10.23
N SER A 174 15.16 3.92 -9.99
CA SER A 174 14.83 5.31 -9.67
C SER A 174 14.05 5.94 -10.81
N ALA A 175 14.50 5.69 -12.04
CA ALA A 175 13.77 6.19 -13.21
C ALA A 175 12.37 5.59 -13.28
N LEU A 176 12.26 4.27 -13.03
CA LEU A 176 10.96 3.59 -13.07
C LEU A 176 9.96 4.23 -12.12
N GLU A 177 10.40 4.58 -10.91
CA GLU A 177 9.49 5.23 -9.97
C GLU A 177 8.97 6.54 -10.53
N SER A 178 9.84 7.29 -11.20
CA SER A 178 9.42 8.55 -11.80
C SER A 178 8.45 8.30 -12.96
N VAL A 179 8.77 7.32 -13.83
CA VAL A 179 7.87 6.94 -14.92
C VAL A 179 6.49 6.58 -14.37
N ASN A 180 6.45 5.80 -13.28
CA ASN A 180 5.17 5.38 -12.69
C ASN A 180 4.30 6.57 -12.33
N ARG A 181 4.89 7.65 -11.83
CA ARG A 181 4.09 8.83 -11.47
C ARG A 181 3.47 9.49 -12.70
N PHE A 182 4.18 9.44 -13.84
CA PHE A 182 3.63 9.99 -15.08
C PHE A 182 2.63 9.05 -15.72
N VAL A 183 2.88 7.74 -15.66
CA VAL A 183 1.88 6.79 -16.13
C VAL A 183 0.59 6.98 -15.35
N ALA A 184 0.68 7.22 -14.04
CA ALA A 184 -0.52 7.44 -13.24
C ALA A 184 -1.31 8.65 -13.74
N ARG A 185 -0.62 9.72 -14.13
CA ARG A 185 -1.28 10.88 -14.71
C ARG A 185 -2.10 10.50 -15.94
N GLU A 186 -1.47 9.78 -16.87
CA GLU A 186 -2.14 9.42 -18.11
C GLU A 186 -3.22 8.38 -17.86
N ALA A 187 -2.91 7.35 -17.07
CA ALA A 187 -3.90 6.30 -16.85
C ALA A 187 -5.09 6.83 -16.07
N GLY A 188 -4.88 7.81 -15.20
CA GLY A 188 -5.99 8.33 -14.42
C GLY A 188 -7.04 9.00 -15.27
N LYS A 189 -6.65 9.51 -16.45
CA LYS A 189 -7.63 10.17 -17.32
C LYS A 189 -8.71 9.21 -17.75
N VAL A 190 -8.39 7.92 -17.83
CA VAL A 190 -9.34 6.90 -18.22
C VAL A 190 -9.67 5.97 -17.06
N GLY A 191 -9.46 6.46 -15.83
CA GLY A 191 -9.93 5.76 -14.64
C GLY A 191 -9.10 4.57 -14.24
N VAL A 192 -7.81 4.55 -14.58
CA VAL A 192 -6.94 3.42 -14.30
C VAL A 192 -5.84 3.87 -13.35
N ARG A 193 -5.56 3.04 -12.36
CA ARG A 193 -4.49 3.28 -11.40
C ARG A 193 -3.18 2.69 -11.89
N SER A 194 -2.07 3.26 -11.41
CA SER A 194 -0.73 2.75 -11.71
C SER A 194 0.09 2.81 -10.44
N ASN A 195 0.71 1.70 -10.05
CA ASN A 195 1.48 1.67 -8.81
C ASN A 195 2.61 0.67 -8.95
N LEU A 196 3.61 0.81 -8.09
CA LEU A 196 4.70 -0.15 -8.02
C LEU A 196 4.66 -0.88 -6.68
N VAL A 197 5.11 -2.13 -6.69
CA VAL A 197 5.38 -2.89 -5.47
C VAL A 197 6.89 -3.00 -5.32
N ALA A 198 7.42 -2.43 -4.24
CA ALA A 198 8.85 -2.50 -3.91
C ALA A 198 9.02 -3.74 -3.05
N ALA A 199 9.55 -4.80 -3.62
CA ALA A 199 9.70 -6.07 -2.96
C ALA A 199 11.08 -6.19 -2.33
N GLY A 200 11.18 -6.95 -1.23
CA GLY A 200 12.47 -7.36 -0.75
C GLY A 200 13.09 -8.41 -1.68
N PRO A 201 14.32 -8.80 -1.37
CA PRO A 201 15.04 -9.72 -2.28
C PRO A 201 14.36 -11.09 -2.31
N ILE A 202 14.23 -11.64 -3.52
CA ILE A 202 13.58 -12.93 -3.75
C ILE A 202 14.55 -13.87 -4.45
N ARG A 203 14.60 -15.12 -3.96
CA ARG A 203 15.54 -16.13 -4.46
C ARG A 203 15.02 -16.75 -5.76
N THR A 204 15.14 -15.99 -6.83
CA THR A 204 14.97 -16.54 -8.17
C THR A 204 16.17 -17.40 -8.52
N LEU A 205 16.08 -18.07 -9.66
CA LEU A 205 17.22 -18.86 -10.13
CA LEU A 205 17.22 -18.86 -10.14
C LEU A 205 18.45 -17.99 -10.31
N ALA A 206 18.27 -16.78 -10.86
CA ALA A 206 19.40 -15.88 -11.03
C ALA A 206 19.99 -15.48 -9.70
N MET A 207 19.14 -15.21 -8.71
CA MET A 207 19.64 -14.88 -7.37
C MET A 207 20.38 -16.05 -6.75
N SER A 208 19.90 -17.27 -6.97
CA SER A 208 20.63 -18.45 -6.52
CA SER A 208 20.64 -18.43 -6.51
C SER A 208 22.01 -18.53 -7.18
N ALA A 209 22.10 -18.11 -8.44
CA ALA A 209 23.39 -18.11 -9.13
C ALA A 209 24.36 -17.13 -8.49
N ILE A 210 23.86 -16.01 -7.97
CA ILE A 210 24.72 -15.05 -7.27
C ILE A 210 25.29 -15.68 -6.00
N VAL A 211 24.43 -16.39 -5.24
CA VAL A 211 24.91 -17.14 -4.08
C VAL A 211 26.05 -18.07 -4.49
N GLY A 212 25.92 -18.71 -5.65
CA GLY A 212 26.95 -19.60 -6.17
C GLY A 212 28.13 -18.93 -6.82
N GLY A 213 28.21 -17.60 -6.77
CA GLY A 213 29.37 -16.89 -7.24
C GLY A 213 29.38 -16.55 -8.72
N ALA A 214 28.24 -16.66 -9.41
CA ALA A 214 28.23 -16.41 -10.85
C ALA A 214 28.57 -14.97 -11.19
N LEU A 215 28.17 -14.02 -10.34
CA LEU A 215 28.54 -12.62 -10.53
C LEU A 215 29.87 -12.27 -9.91
N GLY A 216 30.56 -13.24 -9.33
CA GLY A 216 31.79 -12.96 -8.61
C GLY A 216 31.60 -13.15 -7.12
N ASP A 217 32.68 -13.59 -6.46
CA ASP A 217 32.61 -13.86 -5.02
C ASP A 217 32.23 -12.61 -4.24
N GLU A 218 32.68 -11.44 -4.69
CA GLU A 218 32.41 -10.22 -3.94
C GLU A 218 30.92 -9.89 -3.95
N ALA A 219 30.27 -9.99 -5.11
CA ALA A 219 28.83 -9.78 -5.19
C ALA A 219 28.08 -10.82 -4.37
N GLY A 220 28.58 -12.06 -4.33
CA GLY A 220 27.96 -13.07 -3.48
C GLY A 220 27.99 -12.67 -2.02
N GLN A 221 29.15 -12.19 -1.55
CA GLN A 221 29.25 -11.77 -0.16
C GLN A 221 28.36 -10.57 0.13
N GLN A 222 28.32 -9.60 -0.78
CA GLN A 222 27.47 -8.43 -0.59
CA GLN A 222 27.47 -8.43 -0.56
C GLN A 222 26.00 -8.82 -0.56
N MET A 223 25.60 -9.74 -1.43
CA MET A 223 24.20 -10.17 -1.43
C MET A 223 23.83 -10.87 -0.13
N GLN A 224 24.71 -11.75 0.36
CA GLN A 224 24.43 -12.38 1.65
C GLN A 224 24.31 -11.35 2.77
N LEU A 225 25.23 -10.37 2.79
CA LEU A 225 25.16 -9.33 3.81
CA LEU A 225 25.15 -9.34 3.81
C LEU A 225 23.85 -8.56 3.71
N LEU A 226 23.42 -8.24 2.49
CA LEU A 226 22.15 -7.55 2.31
C LEU A 226 20.99 -8.39 2.82
N GLU A 227 20.99 -9.70 2.51
CA GLU A 227 19.83 -10.52 2.85
C GLU A 227 19.73 -10.79 4.34
N GLU A 228 20.86 -11.08 4.98
CA GLU A 228 20.85 -11.28 6.43
C GLU A 228 20.35 -10.02 7.13
N GLY A 229 20.88 -8.86 6.74
CA GLY A 229 20.43 -7.62 7.34
C GLY A 229 18.96 -7.34 7.08
N TRP A 230 18.46 -7.74 5.91
CA TRP A 230 17.07 -7.48 5.55
C TRP A 230 16.11 -8.21 6.49
N ASP A 231 16.33 -9.51 6.67
CA ASP A 231 15.52 -10.28 7.60
C ASP A 231 15.66 -9.76 9.03
N GLN A 232 16.86 -9.32 9.42
CA GLN A 232 17.05 -8.79 10.76
C GLN A 232 16.25 -7.50 10.97
N ARG A 233 16.40 -6.54 10.05
CA ARG A 233 15.71 -5.25 10.13
C ARG A 233 14.19 -5.41 10.08
N ALA A 234 13.70 -6.30 9.24
CA ALA A 234 12.26 -6.40 9.00
C ALA A 234 11.58 -6.78 10.31
N PRO A 235 10.67 -5.97 10.83
CA PRO A 235 10.02 -6.34 12.11
C PRO A 235 9.26 -7.65 12.06
N ILE A 236 8.78 -8.07 10.88
CA ILE A 236 8.09 -9.34 10.73
C ILE A 236 8.94 -10.36 9.99
N GLY A 237 10.23 -10.10 9.83
CA GLY A 237 11.11 -11.01 9.13
C GLY A 237 10.97 -10.90 7.63
N TRP A 238 11.91 -11.53 6.93
CA TRP A 238 11.88 -11.58 5.47
C TRP A 238 12.45 -12.90 5.00
N ASP A 239 11.64 -13.68 4.28
CA ASP A 239 12.04 -14.98 3.75
C ASP A 239 12.26 -14.84 2.25
N MET A 240 13.53 -14.73 1.83
CA MET A 240 13.85 -14.60 0.41
CA MET A 240 13.82 -14.59 0.41
C MET A 240 13.34 -15.78 -0.41
N LYS A 241 13.11 -16.93 0.22
CA LYS A 241 12.67 -18.11 -0.52
C LYS A 241 11.16 -18.19 -0.67
N ASP A 242 10.43 -17.18 -0.22
CA ASP A 242 8.97 -17.19 -0.24
C ASP A 242 8.47 -16.00 -1.04
N PRO A 243 8.15 -16.17 -2.33
CA PRO A 243 7.62 -15.06 -3.13
C PRO A 243 6.16 -14.77 -2.86
N THR A 244 5.46 -15.63 -2.12
CA THR A 244 4.01 -15.46 -1.98
C THR A 244 3.59 -14.13 -1.38
N PRO A 245 4.23 -13.58 -0.34
CA PRO A 245 3.79 -12.27 0.16
C PRO A 245 3.87 -11.18 -0.89
N VAL A 246 4.87 -11.25 -1.79
CA VAL A 246 4.98 -10.27 -2.87
C VAL A 246 3.81 -10.44 -3.85
N ALA A 247 3.54 -11.68 -4.24
CA ALA A 247 2.43 -11.96 -5.16
C ALA A 247 1.09 -11.51 -4.58
N LYS A 248 0.87 -11.75 -3.29
CA LYS A 248 -0.37 -11.30 -2.67
CA LYS A 248 -0.36 -11.30 -2.64
C LYS A 248 -0.50 -9.78 -2.69
N THR A 249 0.61 -9.07 -2.45
CA THR A 249 0.58 -7.61 -2.47
C THR A 249 0.23 -7.06 -3.84
N VAL A 250 0.79 -7.67 -4.90
CA VAL A 250 0.43 -7.27 -6.26
C VAL A 250 -1.06 -7.49 -6.48
N CYS A 251 -1.58 -8.64 -6.04
CA CYS A 251 -2.99 -8.92 -6.19
C CYS A 251 -3.84 -7.92 -5.40
N ALA A 252 -3.37 -7.49 -4.23
CA ALA A 252 -4.08 -6.44 -3.50
C ALA A 252 -4.24 -5.18 -4.35
N LEU A 253 -3.17 -4.78 -5.04
CA LEU A 253 -3.25 -3.60 -5.89
C LEU A 253 -4.09 -3.83 -7.15
N LEU A 254 -4.16 -5.08 -7.62
CA LEU A 254 -5.02 -5.39 -8.75
C LEU A 254 -6.50 -5.45 -8.37
N SER A 255 -6.78 -5.61 -7.08
CA SER A 255 -8.15 -5.73 -6.58
C SER A 255 -8.78 -4.34 -6.47
N ASP A 256 -10.02 -4.31 -5.99
CA ASP A 256 -10.73 -3.06 -5.79
C ASP A 256 -10.52 -2.47 -4.40
N TRP A 257 -9.56 -2.99 -3.63
CA TRP A 257 -9.45 -2.64 -2.22
C TRP A 257 -8.45 -1.52 -1.92
N LEU A 258 -7.72 -1.03 -2.91
CA LEU A 258 -6.90 0.17 -2.75
C LEU A 258 -7.31 1.18 -3.82
N PRO A 259 -8.58 1.59 -3.83
CA PRO A 259 -9.12 2.31 -4.98
C PRO A 259 -8.69 3.76 -5.06
N ALA A 260 -8.03 4.30 -4.03
CA ALA A 260 -7.61 5.70 -4.03
C ALA A 260 -6.09 5.84 -4.01
N THR A 261 -5.36 4.80 -4.41
CA THR A 261 -3.90 4.79 -4.40
C THR A 261 -3.44 4.75 -5.85
N THR A 262 -2.69 5.76 -6.27
CA THR A 262 -2.13 5.71 -7.62
C THR A 262 -0.88 6.57 -7.67
N GLY A 263 -0.03 6.28 -8.67
CA GLY A 263 1.26 6.93 -8.74
C GLY A 263 2.19 6.58 -7.61
N ASP A 264 1.93 5.48 -6.92
CA ASP A 264 2.49 5.22 -5.61
C ASP A 264 3.37 3.97 -5.60
N ILE A 265 3.96 3.73 -4.45
CA ILE A 265 4.89 2.63 -4.21
C ILE A 265 4.44 1.97 -2.92
N ILE A 266 4.08 0.69 -3.01
CA ILE A 266 3.70 -0.12 -1.85
CA ILE A 266 3.70 -0.11 -1.86
C ILE A 266 4.85 -1.08 -1.57
N PHE A 267 5.30 -1.12 -0.32
CA PHE A 267 6.45 -1.94 0.03
C PHE A 267 6.02 -3.32 0.51
N ALA A 268 6.48 -4.36 -0.17
CA ALA A 268 6.30 -5.74 0.26
C ALA A 268 7.68 -6.29 0.63
N ASP A 269 8.18 -5.82 1.78
CA ASP A 269 9.59 -6.02 2.11
C ASP A 269 9.80 -6.40 3.58
N GLY A 270 8.73 -6.80 4.28
CA GLY A 270 8.85 -7.12 5.69
C GLY A 270 8.95 -5.93 6.60
N GLY A 271 8.79 -4.72 6.06
CA GLY A 271 9.05 -3.51 6.81
C GLY A 271 10.50 -3.12 6.92
N ALA A 272 11.40 -3.80 6.21
CA ALA A 272 12.83 -3.54 6.37
C ALA A 272 13.21 -2.10 6.08
N HIS A 273 12.56 -1.47 5.10
CA HIS A 273 13.01 -0.13 4.70
C HIS A 273 12.64 0.93 5.73
N THR A 274 11.80 0.58 6.70
CA THR A 274 11.38 1.51 7.75
C THR A 274 12.28 1.45 8.98
N GLN A 275 13.30 0.60 8.97
CA GLN A 275 14.16 0.40 10.11
C GLN A 275 15.60 0.63 9.69
N LEU A 276 16.36 1.35 10.52
CA LEU A 276 17.75 1.59 10.17
C LEU A 276 18.60 0.37 10.48
N LEU A 277 18.40 -0.20 11.65
CA LEU A 277 19.02 -1.46 12.03
C LEU A 277 18.18 -2.03 13.17
N GLY B 11 -16.33 -12.82 2.52
CA GLY B 11 -15.87 -11.45 2.47
C GLY B 11 -14.39 -11.29 2.72
N LEU B 12 -13.89 -10.08 2.47
CA LEU B 12 -12.46 -9.82 2.61
C LEU B 12 -11.96 -10.09 4.02
N LEU B 13 -12.81 -9.87 5.02
CA LEU B 13 -12.43 -9.98 6.43
C LEU B 13 -13.23 -11.05 7.14
N GLU B 14 -13.65 -12.09 6.41
CA GLU B 14 -14.57 -13.08 6.94
C GLU B 14 -14.04 -13.68 8.23
N GLY B 15 -14.81 -13.56 9.31
CA GLY B 15 -14.49 -14.17 10.57
C GLY B 15 -13.47 -13.43 11.41
N LYS B 16 -12.84 -12.38 10.88
CA LYS B 16 -11.84 -11.66 11.66
C LYS B 16 -12.52 -10.84 12.75
N ARG B 17 -11.91 -10.84 13.93
CA ARG B 17 -12.37 -10.04 15.06
C ARG B 17 -11.56 -8.76 15.10
N ILE B 18 -12.23 -7.62 15.01
CA ILE B 18 -11.55 -6.34 14.81
C ILE B 18 -12.10 -5.31 15.80
N LEU B 19 -11.19 -4.62 16.48
CA LEU B 19 -11.52 -3.51 17.36
C LEU B 19 -11.44 -2.20 16.57
N VAL B 20 -12.51 -1.41 16.60
CA VAL B 20 -12.55 -0.13 15.88
C VAL B 20 -12.78 0.99 16.87
N THR B 21 -11.78 1.85 17.04
CA THR B 21 -11.91 3.07 17.84
C THR B 21 -12.36 4.22 16.95
N GLY B 22 -12.82 5.30 17.57
CA GLY B 22 -12.93 6.58 16.88
C GLY B 22 -14.25 6.94 16.27
N ILE B 23 -15.32 6.18 16.50
CA ILE B 23 -16.64 6.61 16.02
C ILE B 23 -17.18 7.68 16.97
N ILE B 24 -17.60 8.82 16.42
CA ILE B 24 -18.38 9.80 17.18
C ILE B 24 -19.61 10.26 16.41
N THR B 25 -19.53 10.34 15.08
CA THR B 25 -20.69 10.64 14.25
C THR B 25 -20.76 9.65 13.09
N ASP B 26 -21.86 9.71 12.34
CA ASP B 26 -21.94 8.86 11.15
C ASP B 26 -21.09 9.38 10.00
N SER B 27 -20.41 10.51 10.19
CA SER B 27 -19.43 10.99 9.22
C SER B 27 -17.99 10.65 9.62
N SER B 28 -17.78 10.13 10.83
CA SER B 28 -16.45 9.69 11.26
C SER B 28 -15.88 8.71 10.26
N ILE B 29 -14.57 8.86 9.96
CA ILE B 29 -13.92 7.87 9.12
C ILE B 29 -14.10 6.48 9.72
N ALA B 30 -14.02 6.37 11.04
CA ALA B 30 -14.17 5.08 11.71
C ALA B 30 -15.54 4.47 11.52
N PHE B 31 -16.59 5.29 11.39
CA PHE B 31 -17.91 4.74 11.11
C PHE B 31 -17.89 3.98 9.79
N HIS B 32 -17.24 4.54 8.78
CA HIS B 32 -17.21 3.90 7.47
C HIS B 32 -16.26 2.71 7.44
N ILE B 33 -15.15 2.79 8.16
CA ILE B 33 -14.30 1.62 8.35
C ILE B 33 -15.10 0.48 8.94
N ALA B 34 -15.85 0.77 10.01
CA ALA B 34 -16.66 -0.26 10.66
C ALA B 34 -17.73 -0.82 9.72
N LYS B 35 -18.40 0.05 8.96
CA LYS B 35 -19.44 -0.39 8.03
C LYS B 35 -18.88 -1.34 6.98
N VAL B 36 -17.79 -0.95 6.32
CA VAL B 36 -17.20 -1.80 5.30
C VAL B 36 -16.68 -3.09 5.90
N ALA B 37 -16.02 -3.00 7.07
CA ALA B 37 -15.52 -4.22 7.71
C ALA B 37 -16.65 -5.22 7.97
N GLN B 38 -17.78 -4.74 8.50
CA GLN B 38 -18.91 -5.63 8.75
C GLN B 38 -19.46 -6.20 7.45
N GLU B 39 -19.57 -5.37 6.41
CA GLU B 39 -20.02 -5.86 5.12
C GLU B 39 -19.10 -6.95 4.60
N GLN B 40 -17.83 -6.91 4.99
CA GLN B 40 -16.81 -7.87 4.58
C GLN B 40 -16.63 -9.02 5.57
N GLY B 41 -17.57 -9.21 6.50
CA GLY B 41 -17.59 -10.40 7.32
C GLY B 41 -16.91 -10.27 8.67
N ALA B 42 -16.40 -9.11 9.02
CA ALA B 42 -15.71 -8.95 10.29
C ALA B 42 -16.69 -8.86 11.45
N GLU B 43 -16.25 -9.32 12.61
CA GLU B 43 -17.01 -9.20 13.85
C GLU B 43 -16.32 -8.15 14.71
N LEU B 44 -17.03 -7.06 14.98
CA LEU B 44 -16.38 -5.88 15.54
C LEU B 44 -16.61 -5.75 17.03
N VAL B 45 -15.62 -5.17 17.71
CA VAL B 45 -15.78 -4.55 19.02
C VAL B 45 -15.48 -3.06 18.81
N LEU B 46 -16.36 -2.20 19.30
CA LEU B 46 -16.18 -0.76 19.13
C LEU B 46 -15.77 -0.12 20.44
N THR B 47 -15.02 0.96 20.37
CA THR B 47 -14.76 1.79 21.54
C THR B 47 -15.25 3.20 21.28
N GLY B 48 -15.65 3.88 22.35
CA GLY B 48 -16.08 5.25 22.26
C GLY B 48 -15.54 6.07 23.41
N PHE B 49 -15.36 7.36 23.15
CA PHE B 49 -14.81 8.29 24.12
C PHE B 49 -15.90 9.26 24.57
N ASP B 50 -16.15 9.29 25.88
CA ASP B 50 -16.91 10.34 26.56
C ASP B 50 -18.42 10.24 26.36
N ARG B 51 -18.91 10.47 25.14
CA ARG B 51 -20.34 10.59 24.88
C ARG B 51 -20.91 9.24 24.44
N LEU B 52 -20.87 8.28 25.36
CA LEU B 52 -21.23 6.89 25.02
C LEU B 52 -22.68 6.77 24.57
N ARG B 53 -23.59 7.51 25.20
CA ARG B 53 -25.00 7.43 24.82
C ARG B 53 -25.20 7.92 23.39
N LEU B 54 -24.55 9.03 23.03
CA LEU B 54 -24.64 9.53 21.67
C LEU B 54 -24.00 8.56 20.68
N ILE B 55 -22.86 7.98 21.06
CA ILE B 55 -22.15 7.08 20.15
C ILE B 55 -22.99 5.84 19.86
N GLU B 56 -23.66 5.29 20.88
CA GLU B 56 -24.46 4.09 20.64
CA GLU B 56 -24.47 4.10 20.65
C GLU B 56 -25.61 4.38 19.68
N ARG B 57 -26.19 5.58 19.72
CA ARG B 57 -27.19 5.96 18.73
C ARG B 57 -26.63 5.82 17.31
N ILE B 58 -25.36 6.21 17.13
CA ILE B 58 -24.73 6.12 15.82
C ILE B 58 -24.43 4.68 15.46
N THR B 59 -23.84 3.94 16.40
CA THR B 59 -23.39 2.59 16.07
C THR B 59 -24.55 1.64 15.81
N GLN B 60 -25.75 1.96 16.30
CA GLN B 60 -26.91 1.13 16.00
C GLN B 60 -27.31 1.22 14.53
N ARG B 61 -26.81 2.23 13.80
CA ARG B 61 -27.02 2.40 12.37
CA ARG B 61 -27.07 2.32 12.37
C ARG B 61 -26.02 1.62 11.53
N LEU B 62 -25.05 0.95 12.14
CA LEU B 62 -24.12 0.13 11.38
C LEU B 62 -24.84 -1.12 10.86
N PRO B 63 -24.26 -1.79 9.86
CA PRO B 63 -24.93 -2.98 9.29
C PRO B 63 -25.30 -4.06 10.31
N LYS B 64 -24.50 -4.25 11.35
CA LYS B 64 -24.67 -5.37 12.27
C LYS B 64 -24.41 -4.90 13.70
N PRO B 65 -24.96 -5.61 14.69
CA PRO B 65 -24.70 -5.25 16.08
C PRO B 65 -23.23 -5.41 16.43
N ALA B 66 -22.77 -4.53 17.34
CA ALA B 66 -21.42 -4.64 17.83
C ALA B 66 -21.38 -4.06 19.23
N PRO B 67 -20.71 -4.72 20.17
CA PRO B 67 -20.57 -4.16 21.51
C PRO B 67 -19.68 -2.93 21.52
N LEU B 68 -19.98 -2.02 22.45
CA LEU B 68 -19.29 -0.75 22.61
C LEU B 68 -18.67 -0.70 23.99
N LEU B 69 -17.36 -0.47 24.03
CA LEU B 69 -16.58 -0.32 25.26
C LEU B 69 -16.06 1.10 25.38
N GLU B 70 -15.98 1.60 26.61
CA GLU B 70 -15.47 2.96 26.81
C GLU B 70 -13.95 2.97 26.77
N LEU B 71 -13.39 3.96 26.07
CA LEU B 71 -11.93 4.12 26.06
C LEU B 71 -11.58 5.58 25.85
N ASP B 72 -11.04 6.19 26.89
CA ASP B 72 -10.34 7.47 26.83
C ASP B 72 -8.86 7.13 26.82
N VAL B 73 -8.17 7.42 25.70
CA VAL B 73 -6.78 7.03 25.57
C VAL B 73 -5.83 7.79 26.50
N GLN B 74 -6.30 8.86 27.15
CA GLN B 74 -5.51 9.51 28.19
C GLN B 74 -5.70 8.86 29.56
N ASN B 75 -6.59 7.88 29.66
CA ASN B 75 -6.95 7.29 30.95
C ASN B 75 -6.21 5.96 31.07
N GLU B 76 -5.20 5.92 31.95
CA GLU B 76 -4.39 4.70 32.06
C GLU B 76 -5.19 3.54 32.65
N GLU B 77 -6.23 3.83 33.44
CA GLU B 77 -7.08 2.74 33.91
C GLU B 77 -7.87 2.12 32.76
N HIS B 78 -8.40 2.95 31.86
CA HIS B 78 -9.08 2.41 30.69
C HIS B 78 -8.14 1.55 29.86
N LEU B 79 -6.91 2.03 29.64
CA LEU B 79 -5.95 1.27 28.83
C LEU B 79 -5.55 -0.02 29.52
N GLY B 80 -5.33 0.03 30.84
CA GLY B 80 -4.88 -1.15 31.55
C GLY B 80 -5.93 -2.24 31.65
N SER B 81 -7.21 -1.86 31.63
CA SER B 81 -8.30 -2.82 31.69
C SER B 81 -8.80 -3.24 30.32
N LEU B 82 -8.31 -2.64 29.24
CA LEU B 82 -8.92 -2.80 27.94
C LEU B 82 -8.86 -4.25 27.45
N ALA B 83 -7.68 -4.89 27.58
CA ALA B 83 -7.56 -6.27 27.10
C ALA B 83 -8.55 -7.19 27.79
N GLY B 84 -8.66 -7.07 29.12
CA GLY B 84 -9.60 -7.90 29.86
C GLY B 84 -11.05 -7.60 29.49
N ARG B 85 -11.36 -6.33 29.23
CA ARG B 85 -12.72 -6.00 28.80
C ARG B 85 -13.02 -6.55 27.41
N ILE B 86 -12.03 -6.53 26.51
CA ILE B 86 -12.18 -7.18 25.21
C ILE B 86 -12.39 -8.68 25.39
N SER B 87 -11.56 -9.33 26.21
CA SER B 87 -11.69 -10.76 26.43
C SER B 87 -13.07 -11.14 26.97
N GLU B 88 -13.65 -10.28 27.81
CA GLU B 88 -14.98 -10.56 28.34
C GLU B 88 -16.02 -10.61 27.22
N VAL B 89 -15.87 -9.81 26.18
CA VAL B 89 -16.91 -9.76 25.15
C VAL B 89 -16.65 -10.76 24.01
N ILE B 90 -15.39 -11.00 23.64
CA ILE B 90 -15.11 -11.96 22.57
C ILE B 90 -14.87 -13.38 23.09
N GLY B 91 -14.69 -13.55 24.40
CA GLY B 91 -14.39 -14.84 25.00
C GLY B 91 -12.94 -14.96 25.37
N GLU B 92 -12.64 -15.56 26.54
CA GLU B 92 -11.26 -15.61 27.04
C GLU B 92 -10.33 -16.36 26.10
N GLY B 93 -10.84 -17.39 25.44
CA GLY B 93 -10.01 -18.16 24.54
C GLY B 93 -9.83 -17.58 23.16
N ASN B 94 -10.41 -16.41 22.90
CA ASN B 94 -10.35 -15.78 21.59
C ASN B 94 -9.52 -14.50 21.61
N LYS B 95 -8.99 -14.14 20.45
CA LYS B 95 -8.15 -12.96 20.31
C LYS B 95 -8.61 -12.13 19.13
N LEU B 96 -8.13 -10.89 19.08
CA LEU B 96 -8.40 -10.00 17.97
C LEU B 96 -7.45 -10.27 16.83
N ASP B 97 -7.95 -10.07 15.61
CA ASP B 97 -7.12 -10.08 14.42
C ASP B 97 -6.76 -8.68 13.92
N GLY B 98 -7.51 -7.67 14.32
CA GLY B 98 -7.31 -6.33 13.79
C GLY B 98 -7.66 -5.30 14.84
N VAL B 99 -6.96 -4.17 14.78
CA VAL B 99 -7.21 -3.00 15.62
C VAL B 99 -7.09 -1.76 14.76
N VAL B 100 -8.07 -0.86 14.86
CA VAL B 100 -8.06 0.41 14.12
C VAL B 100 -7.99 1.56 15.10
N HIS B 101 -6.94 2.38 14.98
CA HIS B 101 -6.81 3.65 15.67
C HIS B 101 -7.31 4.73 14.73
N SER B 102 -8.40 5.39 15.08
CA SER B 102 -8.96 6.47 14.26
C SER B 102 -9.30 7.62 15.20
N ILE B 103 -8.26 8.11 15.88
CA ILE B 103 -8.37 9.02 17.02
C ILE B 103 -7.43 10.19 16.78
N GLY B 104 -7.95 11.40 16.98
CA GLY B 104 -7.14 12.59 16.89
C GLY B 104 -7.78 13.71 17.68
N PHE B 105 -6.97 14.70 18.05
CA PHE B 105 -7.44 15.86 18.79
C PHE B 105 -6.33 16.90 18.83
N MET B 106 -6.69 18.17 18.65
CA MET B 106 -5.77 19.23 18.91
C MET B 106 -6.62 20.42 19.33
N PRO B 107 -6.33 21.07 20.46
CA PRO B 107 -7.12 22.23 20.87
C PRO B 107 -7.04 23.32 19.81
N GLN B 108 -8.02 24.23 19.85
CA GLN B 108 -8.10 25.28 18.83
CA GLN B 108 -8.10 25.27 18.81
C GLN B 108 -6.85 26.14 18.79
N SER B 109 -6.14 26.24 19.92
CA SER B 109 -4.90 27.01 19.94
C SER B 109 -3.81 26.40 19.05
N GLY B 110 -3.91 25.11 18.73
CA GLY B 110 -2.87 24.43 17.97
C GLY B 110 -3.26 24.05 16.56
N MET B 111 -4.51 24.26 16.19
CA MET B 111 -5.00 23.91 14.86
C MET B 111 -6.15 24.86 14.53
N GLY B 112 -6.01 25.61 13.43
CA GLY B 112 -6.94 26.67 13.12
C GLY B 112 -6.24 27.98 12.79
N VAL B 113 -6.81 29.11 13.20
CA VAL B 113 -6.24 30.41 12.83
C VAL B 113 -5.30 31.01 13.88
N ASN B 114 -5.20 30.41 15.06
CA ASN B 114 -4.27 30.92 16.07
C ASN B 114 -2.85 30.80 15.53
N PRO B 115 -2.00 31.80 15.75
CA PRO B 115 -0.60 31.70 15.29
C PRO B 115 0.09 30.46 15.84
N PHE B 116 0.86 29.83 14.96
CA PHE B 116 1.63 28.63 15.33
C PHE B 116 2.44 28.85 16.60
N PHE B 117 3.14 29.98 16.69
CA PHE B 117 3.99 30.26 17.86
C PHE B 117 3.22 30.46 19.16
N ASP B 118 1.91 30.67 19.10
CA ASP B 118 1.16 31.03 20.29
C ASP B 118 0.41 29.87 20.92
N ALA B 119 0.57 28.66 20.40
CA ALA B 119 -0.05 27.51 21.04
C ALA B 119 0.65 27.20 22.37
N PRO B 120 -0.05 27.20 23.50
CA PRO B 120 0.61 26.86 24.76
C PRO B 120 1.02 25.40 24.78
N PHE B 121 2.13 25.13 25.49
CA PHE B 121 2.60 23.76 25.56
C PHE B 121 1.55 22.79 26.07
N ALA B 122 0.78 23.17 27.10
CA ALA B 122 -0.20 22.24 27.65
C ALA B 122 -1.18 21.77 26.58
N ASP B 123 -1.56 22.67 25.67
CA ASP B 123 -2.48 22.28 24.60
C ASP B 123 -1.81 21.38 23.58
N VAL B 124 -0.60 21.73 23.16
CA VAL B 124 0.11 20.89 22.21
C VAL B 124 0.39 19.51 22.81
N SER B 125 0.76 19.47 24.08
CA SER B 125 1.02 18.20 24.75
C SER B 125 -0.22 17.30 24.76
N LYS B 126 -1.38 17.86 25.11
CA LYS B 126 -2.61 17.08 25.08
C LYS B 126 -2.91 16.56 23.67
N GLY B 127 -2.75 17.42 22.65
CA GLY B 127 -2.95 16.96 21.28
C GLY B 127 -1.97 15.89 20.86
N PHE B 128 -0.70 16.02 21.28
CA PHE B 128 0.29 14.99 21.02
C PHE B 128 -0.05 13.69 21.73
N HIS B 129 -0.54 13.79 22.97
CA HIS B 129 -0.94 12.60 23.72
C HIS B 129 -2.01 11.82 22.97
N ILE B 130 -3.09 12.50 22.59
CA ILE B 130 -4.23 11.82 21.98
C ILE B 130 -3.91 11.39 20.55
N SER B 131 -3.17 12.22 19.81
CA SER B 131 -3.03 12.00 18.38
C SER B 131 -1.82 11.14 18.00
N ALA B 132 -0.80 11.06 18.86
CA ALA B 132 0.42 10.36 18.49
C ALA B 132 0.82 9.32 19.53
N PHE B 133 1.00 9.77 20.77
CA PHE B 133 1.41 8.84 21.83
C PHE B 133 0.42 7.70 21.98
N SER B 134 -0.89 7.99 21.83
CA SER B 134 -1.90 6.97 22.06
C SER B 134 -1.87 5.84 21.03
N TYR B 135 -1.23 6.04 19.87
CA TYR B 135 -1.08 4.91 18.96
C TYR B 135 -0.22 3.82 19.61
N SER B 136 0.83 4.24 20.33
CA SER B 136 1.62 3.30 21.11
C SER B 136 0.84 2.75 22.30
N SER B 137 0.12 3.62 23.03
CA SER B 137 -0.63 3.19 24.20
C SER B 137 -1.67 2.15 23.82
N LEU B 138 -2.38 2.39 22.73
CA LEU B 138 -3.39 1.44 22.29
C LEU B 138 -2.74 0.13 21.89
N ALA B 139 -1.64 0.18 21.15
CA ALA B 139 -0.96 -1.06 20.76
C ALA B 139 -0.51 -1.85 21.97
N LYS B 140 0.08 -1.18 22.96
CA LYS B 140 0.50 -1.88 24.18
C LYS B 140 -0.70 -2.54 24.86
N ALA B 141 -1.84 -1.85 24.88
CA ALA B 141 -3.02 -2.37 25.56
C ALA B 141 -3.63 -3.57 24.84
N VAL B 142 -3.54 -3.62 23.51
CA VAL B 142 -4.29 -4.62 22.75
C VAL B 142 -3.43 -5.82 22.34
N LEU B 143 -2.13 -5.61 22.16
CA LEU B 143 -1.27 -6.70 21.70
C LEU B 143 -1.41 -7.99 22.51
N PRO B 144 -1.52 -7.96 23.84
CA PRO B 144 -1.70 -9.22 24.58
C PRO B 144 -2.91 -10.03 24.14
N VAL B 145 -3.90 -9.39 23.50
CA VAL B 145 -5.08 -10.13 23.07
C VAL B 145 -5.20 -10.11 21.55
N MET B 146 -4.06 -10.05 20.85
CA MET B 146 -4.05 -10.10 19.41
C MET B 146 -3.43 -11.41 18.93
N ASN B 147 -3.99 -11.96 17.86
CA ASN B 147 -3.44 -13.15 17.22
C ASN B 147 -2.19 -12.82 16.43
N ARG B 148 -1.29 -13.80 16.33
CA ARG B 148 -0.24 -13.74 15.31
C ARG B 148 -0.89 -13.60 13.95
N GLY B 149 -0.25 -12.84 13.05
CA GLY B 149 -0.87 -12.50 11.80
C GLY B 149 -1.81 -11.32 11.86
N GLY B 150 -1.99 -10.70 13.02
CA GLY B 150 -2.89 -9.59 13.18
C GLY B 150 -2.36 -8.29 12.57
N SER B 151 -3.21 -7.27 12.64
CA SER B 151 -2.92 -6.01 11.95
C SER B 151 -3.45 -4.83 12.77
N ILE B 152 -2.58 -3.84 13.02
CA ILE B 152 -2.96 -2.57 13.65
C ILE B 152 -2.85 -1.48 12.60
N VAL B 153 -3.89 -0.67 12.45
CA VAL B 153 -3.92 0.38 11.44
C VAL B 153 -4.33 1.69 12.11
N GLY B 154 -3.59 2.76 11.84
CA GLY B 154 -3.96 4.09 12.30
C GLY B 154 -4.17 5.07 11.15
N MET B 155 -4.82 6.21 11.43
CA MET B 155 -5.13 7.19 10.40
C MET B 155 -4.16 8.36 10.46
N ASP B 156 -3.68 8.77 9.28
CA ASP B 156 -2.66 9.79 9.11
C ASP B 156 -3.16 10.83 8.11
N PHE B 157 -2.60 12.03 8.20
CA PHE B 157 -2.76 13.06 7.17
C PHE B 157 -1.36 13.54 6.85
N ASP B 158 -0.93 13.34 5.59
CA ASP B 158 0.46 13.50 5.18
C ASP B 158 1.07 14.79 5.72
N PRO B 159 2.05 14.68 6.65
CA PRO B 159 2.63 15.86 7.28
C PRO B 159 4.04 16.15 6.78
N THR B 160 4.41 15.56 5.64
CA THR B 160 5.76 15.73 5.09
C THR B 160 6.10 17.19 4.83
N ARG B 161 5.10 17.99 4.50
CA ARG B 161 5.27 19.40 4.22
CA ARG B 161 5.26 19.40 4.20
C ARG B 161 4.32 20.22 5.08
N ALA B 162 4.75 21.43 5.44
CA ALA B 162 3.90 22.28 6.25
C ALA B 162 2.77 22.86 5.39
N MET B 163 1.76 23.40 6.07
CA MET B 163 0.57 23.86 5.38
C MET B 163 -0.19 24.82 6.29
N PRO B 164 -1.11 25.60 5.74
CA PRO B 164 -1.91 26.49 6.59
C PRO B 164 -2.79 25.69 7.54
N ALA B 165 -3.02 26.29 8.72
CA ALA B 165 -4.03 25.90 9.71
C ALA B 165 -3.79 24.59 10.43
N TYR B 166 -3.28 23.57 9.73
CA TYR B 166 -3.10 22.26 10.39
C TYR B 166 -2.06 22.35 11.51
N ASN B 167 -1.04 23.20 11.34
CA ASN B 167 -0.20 23.65 12.45
C ASN B 167 0.29 22.50 13.32
N TRP B 168 -0.04 22.52 14.62
CA TRP B 168 0.55 21.52 15.51
C TRP B 168 -0.05 20.13 15.30
N MET B 169 -1.22 20.02 14.68
CA MET B 169 -1.69 18.69 14.29
C MET B 169 -0.75 18.08 13.27
N THR B 170 -0.15 18.90 12.38
CA THR B 170 0.87 18.39 11.47
C THR B 170 2.03 17.80 12.23
N VAL B 171 2.48 18.49 13.29
CA VAL B 171 3.57 18.00 14.11
C VAL B 171 3.19 16.70 14.79
N ALA B 172 1.95 16.61 15.28
CA ALA B 172 1.47 15.36 15.89
C ALA B 172 1.47 14.22 14.88
N LYS B 173 1.08 14.49 13.62
CA LYS B 173 1.09 13.44 12.60
C LYS B 173 2.51 13.01 12.26
N SER B 174 3.43 13.97 12.18
CA SER B 174 4.83 13.59 11.98
C SER B 174 5.31 12.68 13.10
N ALA B 175 4.94 13.01 14.35
CA ALA B 175 5.28 12.16 15.47
C ALA B 175 4.61 10.80 15.34
N LEU B 176 3.32 10.78 14.96
CA LEU B 176 2.58 9.53 14.78
C LEU B 176 3.28 8.60 13.80
N GLU B 177 3.79 9.13 12.68
CA GLU B 177 4.49 8.28 11.72
C GLU B 177 5.71 7.64 12.34
N SER B 178 6.43 8.39 13.17
CA SER B 178 7.59 7.84 13.85
C SER B 178 7.17 6.78 14.86
N VAL B 179 6.12 7.07 15.65
CA VAL B 179 5.60 6.09 16.60
C VAL B 179 5.23 4.79 15.90
N ASN B 180 4.57 4.90 14.73
CA ASN B 180 4.15 3.71 13.99
C ASN B 180 5.33 2.80 13.67
N ARG B 181 6.48 3.37 13.32
CA ARG B 181 7.64 2.54 13.00
C ARG B 181 8.15 1.79 14.22
N PHE B 182 8.01 2.38 15.42
CA PHE B 182 8.42 1.69 16.63
C PHE B 182 7.36 0.69 17.09
N VAL B 183 6.09 1.04 16.93
CA VAL B 183 5.04 0.05 17.18
C VAL B 183 5.26 -1.18 16.30
N ALA B 184 5.64 -0.98 15.04
CA ALA B 184 5.89 -2.11 14.16
C ALA B 184 6.99 -3.00 14.71
N ARG B 185 8.05 -2.42 15.27
CA ARG B 185 9.11 -3.21 15.88
C ARG B 185 8.56 -4.11 16.98
N GLU B 186 7.76 -3.54 17.87
CA GLU B 186 7.24 -4.29 19.00
C GLU B 186 6.21 -5.30 18.55
N ALA B 187 5.28 -4.88 17.69
CA ALA B 187 4.22 -5.77 17.27
C ALA B 187 4.77 -6.91 16.43
N GLY B 188 5.84 -6.65 15.69
CA GLY B 188 6.42 -7.69 14.86
C GLY B 188 6.93 -8.87 15.66
N LYS B 189 7.32 -8.65 16.92
CA LYS B 189 7.82 -9.73 17.75
C LYS B 189 6.78 -10.81 17.96
N VAL B 190 5.50 -10.44 17.92
CA VAL B 190 4.42 -11.41 18.12
C VAL B 190 3.61 -11.51 16.84
N GLY B 191 4.25 -11.21 15.71
CA GLY B 191 3.67 -11.48 14.41
C GLY B 191 2.54 -10.55 14.00
N VAL B 192 2.54 -9.31 14.47
CA VAL B 192 1.48 -8.37 14.17
C VAL B 192 2.05 -7.22 13.37
N ARG B 193 1.33 -6.80 12.34
CA ARG B 193 1.72 -5.66 11.51
C ARG B 193 1.14 -4.36 12.08
N SER B 194 1.82 -3.25 11.77
CA SER B 194 1.38 -1.91 12.16
C SER B 194 1.58 -0.97 10.98
N ASN B 195 0.54 -0.26 10.56
CA ASN B 195 0.65 0.62 9.41
C ASN B 195 -0.30 1.79 9.56
N LEU B 196 0.00 2.86 8.85
CA LEU B 196 -0.90 4.01 8.79
C LEU B 196 -1.49 4.13 7.40
N VAL B 197 -2.71 4.64 7.33
CA VAL B 197 -3.33 5.07 6.07
C VAL B 197 -3.35 6.59 6.07
N ALA B 198 -2.65 7.18 5.11
CA ALA B 198 -2.65 8.64 4.92
C ALA B 198 -3.78 8.98 3.96
N ALA B 199 -4.87 9.51 4.49
CA ALA B 199 -6.06 9.81 3.71
C ALA B 199 -6.03 11.25 3.22
N GLY B 200 -6.66 11.50 2.07
CA GLY B 200 -6.96 12.85 1.69
C GLY B 200 -8.06 13.43 2.56
N PRO B 201 -8.37 14.72 2.35
CA PRO B 201 -9.35 15.39 3.22
C PRO B 201 -10.74 14.80 3.06
N ILE B 202 -11.42 14.58 4.19
CA ILE B 202 -12.74 13.97 4.21
C ILE B 202 -13.70 14.92 4.93
N ARG B 203 -14.89 15.11 4.33
CA ARG B 203 -15.90 16.06 4.83
C ARG B 203 -16.68 15.44 6.00
N THR B 204 -16.03 15.41 7.16
CA THR B 204 -16.72 15.14 8.41
C THR B 204 -17.52 16.36 8.83
N LEU B 205 -18.30 16.19 9.90
CA LEU B 205 -19.06 17.32 10.45
CA LEU B 205 -19.06 17.32 10.44
C LEU B 205 -18.13 18.48 10.81
N ALA B 206 -16.99 18.18 11.41
CA ALA B 206 -16.04 19.25 11.76
C ALA B 206 -15.52 19.94 10.50
N MET B 207 -15.25 19.18 9.44
CA MET B 207 -14.77 19.79 8.21
C MET B 207 -15.84 20.67 7.58
N SER B 208 -17.11 20.26 7.65
CA SER B 208 -18.18 21.11 7.16
CA SER B 208 -18.18 21.11 7.16
C SER B 208 -18.28 22.40 7.97
N ALA B 209 -17.92 22.35 9.26
CA ALA B 209 -17.94 23.57 10.07
C ALA B 209 -16.86 24.55 9.60
N ILE B 210 -15.71 24.02 9.17
CA ILE B 210 -14.66 24.88 8.62
C ILE B 210 -15.13 25.57 7.36
N VAL B 211 -15.81 24.84 6.47
CA VAL B 211 -16.44 25.46 5.30
C VAL B 211 -17.29 26.64 5.74
N GLY B 212 -18.07 26.47 6.80
CA GLY B 212 -18.93 27.52 7.31
C GLY B 212 -18.24 28.59 8.12
N GLY B 213 -16.91 28.55 8.21
CA GLY B 213 -16.16 29.61 8.87
C GLY B 213 -16.00 29.47 10.36
N ALA B 214 -16.23 28.28 10.93
CA ALA B 214 -16.14 28.12 12.38
C ALA B 214 -14.72 28.35 12.88
N LEU B 215 -13.71 27.90 12.13
CA LEU B 215 -12.34 28.17 12.53
C LEU B 215 -11.87 29.56 12.13
N GLY B 216 -12.68 30.30 11.37
CA GLY B 216 -12.27 31.58 10.85
C GLY B 216 -12.34 31.61 9.34
N ASP B 217 -12.66 32.77 8.77
CA ASP B 217 -12.80 32.87 7.32
C ASP B 217 -11.50 32.52 6.61
N GLU B 218 -10.36 32.90 7.20
CA GLU B 218 -9.08 32.63 6.55
C GLU B 218 -8.82 31.13 6.45
N ALA B 219 -9.06 30.39 7.54
CA ALA B 219 -8.91 28.94 7.48
C ALA B 219 -9.89 28.30 6.52
N GLY B 220 -11.10 28.86 6.43
CA GLY B 220 -12.07 28.35 5.46
C GLY B 220 -11.59 28.50 4.03
N GLN B 221 -10.99 29.66 3.72
CA GLN B 221 -10.46 29.86 2.37
C GLN B 221 -9.27 28.94 2.11
N GLN B 222 -8.41 28.77 3.10
CA GLN B 222 -7.26 27.88 2.94
CA GLN B 222 -7.26 27.88 2.92
C GLN B 222 -7.70 26.44 2.71
N MET B 223 -8.74 26.00 3.43
CA MET B 223 -9.24 24.63 3.26
C MET B 223 -9.83 24.43 1.87
N GLN B 224 -10.62 25.39 1.39
CA GLN B 224 -11.14 25.28 0.02
C GLN B 224 -10.00 25.19 -0.98
N LEU B 225 -9.00 26.08 -0.86
CA LEU B 225 -7.85 26.03 -1.76
CA LEU B 225 -7.86 26.03 -1.77
C LEU B 225 -7.19 24.66 -1.74
N LEU B 226 -7.03 24.08 -0.54
CA LEU B 226 -6.41 22.77 -0.43
C LEU B 226 -7.27 21.71 -1.12
N GLU B 227 -8.58 21.73 -0.91
CA GLU B 227 -9.44 20.66 -1.43
C GLU B 227 -9.54 20.70 -2.96
N GLU B 228 -9.71 21.89 -3.53
CA GLU B 228 -9.78 22.00 -4.98
C GLU B 228 -8.49 21.53 -5.62
N GLY B 229 -7.36 21.97 -5.07
CA GLY B 229 -6.08 21.51 -5.60
C GLY B 229 -5.87 20.02 -5.45
N TRP B 230 -6.38 19.45 -4.35
CA TRP B 230 -6.24 18.01 -4.11
C TRP B 230 -6.91 17.20 -5.22
N ASP B 231 -8.18 17.51 -5.50
CA ASP B 231 -8.88 16.82 -6.58
C ASP B 231 -8.20 17.06 -7.92
N GLN B 232 -7.69 18.28 -8.15
CA GLN B 232 -7.00 18.57 -9.40
C GLN B 232 -5.74 17.73 -9.56
N ARG B 233 -4.89 17.72 -8.53
CA ARG B 233 -3.62 16.99 -8.56
C ARG B 233 -3.84 15.49 -8.67
N ALA B 234 -4.81 14.96 -7.95
CA ALA B 234 -5.05 13.53 -7.90
C ALA B 234 -5.32 13.00 -9.30
N PRO B 235 -4.51 12.08 -9.82
CA PRO B 235 -4.75 11.59 -11.19
C PRO B 235 -6.08 10.89 -11.34
N ILE B 236 -6.63 10.32 -10.28
CA ILE B 236 -7.94 9.69 -10.31
C ILE B 236 -9.00 10.52 -9.60
N GLY B 237 -8.69 11.78 -9.30
CA GLY B 237 -9.63 12.64 -8.60
C GLY B 237 -9.69 12.33 -7.12
N TRP B 238 -10.34 13.24 -6.38
CA TRP B 238 -10.53 13.06 -4.95
C TRP B 238 -11.89 13.65 -4.56
N ASP B 239 -12.75 12.84 -3.98
CA ASP B 239 -14.09 13.27 -3.56
C ASP B 239 -14.10 13.34 -2.03
N MET B 240 -13.97 14.55 -1.49
CA MET B 240 -13.97 14.71 -0.03
CA MET B 240 -13.96 14.70 -0.04
C MET B 240 -15.25 14.24 0.63
N LYS B 241 -16.34 14.11 -0.13
CA LYS B 241 -17.61 13.67 0.43
C LYS B 241 -17.78 12.16 0.41
N ASP B 242 -16.76 11.41 0.01
CA ASP B 242 -16.84 9.96 -0.10
C ASP B 242 -15.75 9.32 0.75
N PRO B 243 -16.07 8.89 1.97
CA PRO B 243 -15.07 8.22 2.81
C PRO B 243 -14.83 6.76 2.43
N THR B 244 -15.64 6.19 1.54
CA THR B 244 -15.53 4.76 1.26
C THR B 244 -14.16 4.32 0.74
N PRO B 245 -13.49 5.05 -0.16
CA PRO B 245 -12.16 4.59 -0.59
C PRO B 245 -11.17 4.49 0.56
N VAL B 246 -11.28 5.40 1.56
CA VAL B 246 -10.41 5.34 2.73
C VAL B 246 -10.73 4.11 3.57
N ALA B 247 -12.03 3.87 3.81
CA ALA B 247 -12.45 2.69 4.57
C ALA B 247 -12.00 1.41 3.90
N LYS B 248 -12.13 1.33 2.57
CA LYS B 248 -11.67 0.14 1.86
CA LYS B 248 -11.68 0.13 1.88
C LYS B 248 -10.18 -0.08 2.05
N THR B 249 -9.39 1.00 2.00
CA THR B 249 -7.93 0.86 2.14
C THR B 249 -7.56 0.35 3.53
N VAL B 250 -8.23 0.85 4.57
CA VAL B 250 -8.01 0.34 5.91
C VAL B 250 -8.33 -1.14 5.96
N CYS B 251 -9.45 -1.54 5.37
CA CYS B 251 -9.80 -2.96 5.33
C CYS B 251 -8.75 -3.77 4.57
N ALA B 252 -8.18 -3.22 3.50
CA ALA B 252 -7.10 -3.92 2.81
C ALA B 252 -5.94 -4.21 3.75
N LEU B 253 -5.58 -3.24 4.59
CA LEU B 253 -4.48 -3.47 5.53
C LEU B 253 -4.86 -4.41 6.67
N LEU B 254 -6.15 -4.45 7.01
CA LEU B 254 -6.61 -5.41 8.01
C LEU B 254 -6.69 -6.83 7.47
N SER B 255 -6.72 -6.97 6.14
CA SER B 255 -6.86 -8.26 5.51
C SER B 255 -5.51 -8.97 5.48
N ASP B 256 -5.49 -10.15 4.88
CA ASP B 256 -4.25 -10.89 4.73
C ASP B 256 -3.54 -10.62 3.42
N TRP B 257 -3.92 -9.56 2.69
CA TRP B 257 -3.43 -9.33 1.34
C TRP B 257 -2.22 -8.39 1.26
N LEU B 258 -1.81 -7.77 2.37
CA LEU B 258 -0.55 -7.01 2.42
C LEU B 258 0.31 -7.58 3.53
N PRO B 259 0.65 -8.87 3.47
CA PRO B 259 1.22 -9.55 4.64
C PRO B 259 2.67 -9.22 4.90
N ALA B 260 3.34 -8.50 4.00
CA ALA B 260 4.75 -8.15 4.14
C ALA B 260 4.97 -6.65 4.29
N THR B 261 3.93 -5.90 4.65
CA THR B 261 3.99 -4.45 4.79
C THR B 261 3.83 -4.14 6.27
N THR B 262 4.81 -3.48 6.87
CA THR B 262 4.66 -3.06 8.25
C THR B 262 5.56 -1.86 8.52
N GLY B 263 5.20 -1.09 9.55
CA GLY B 263 5.93 0.13 9.83
C GLY B 263 5.75 1.18 8.78
N ASP B 264 4.70 1.06 7.96
CA ASP B 264 4.60 1.76 6.69
C ASP B 264 3.40 2.69 6.65
N ILE B 265 3.31 3.43 5.55
CA ILE B 265 2.26 4.42 5.30
C ILE B 265 1.70 4.14 3.91
N ILE B 266 0.41 3.84 3.85
CA ILE B 266 -0.29 3.62 2.59
CA ILE B 266 -0.29 3.61 2.59
C ILE B 266 -1.17 4.82 2.33
N PHE B 267 -1.07 5.41 1.13
CA PHE B 267 -1.78 6.64 0.84
C PHE B 267 -3.11 6.33 0.15
N ALA B 268 -4.20 6.78 0.78
CA ALA B 268 -5.53 6.73 0.18
C ALA B 268 -5.96 8.17 -0.08
N ASP B 269 -5.36 8.76 -1.12
CA ASP B 269 -5.45 10.19 -1.32
C ASP B 269 -5.68 10.55 -2.78
N GLY B 270 -6.06 9.60 -3.62
CA GLY B 270 -6.23 9.85 -5.05
C GLY B 270 -4.95 9.97 -5.81
N GLY B 271 -3.80 9.70 -5.17
CA GLY B 271 -2.51 9.96 -5.77
C GLY B 271 -2.04 11.39 -5.68
N ALA B 272 -2.76 12.26 -4.96
CA ALA B 272 -2.44 13.68 -4.93
C ALA B 272 -1.00 13.94 -4.46
N HIS B 273 -0.51 13.15 -3.50
CA HIS B 273 0.80 13.47 -2.94
C HIS B 273 1.94 13.15 -3.90
N THR B 274 1.66 12.45 -5.00
CA THR B 274 2.68 12.09 -5.98
C THR B 274 2.81 13.11 -7.10
N GLN B 275 2.00 14.17 -7.07
CA GLN B 275 1.95 15.14 -8.15
C GLN B 275 2.20 16.53 -7.57
N LEU B 276 3.03 17.32 -8.24
CA LEU B 276 3.30 18.66 -7.72
C LEU B 276 2.16 19.60 -8.06
N LEU B 277 1.68 19.52 -9.29
CA LEU B 277 0.49 20.23 -9.75
C LEU B 277 0.02 19.54 -11.02
PA NAD C . 12.90 -12.84 -13.77
O1A NAD C . 14.17 -13.01 -14.52
O2A NAD C . 12.15 -14.14 -13.51
O5B NAD C . 11.90 -11.83 -14.48
C5B NAD C . 12.35 -10.77 -15.34
C4B NAD C . 11.57 -10.93 -16.62
O4B NAD C . 11.88 -9.85 -17.53
C3B NAD C . 11.84 -12.24 -17.39
O3B NAD C . 10.62 -12.93 -17.63
C2B NAD C . 12.43 -11.74 -18.71
O2B NAD C . 12.09 -12.54 -19.84
C1B NAD C . 11.74 -10.40 -18.82
N9A NAD C . 12.28 -9.50 -19.83
C8A NAD C . 13.59 -9.16 -20.05
N7A NAD C . 13.78 -8.48 -21.15
C5A NAD C . 12.52 -8.35 -21.69
C6A NAD C . 12.04 -7.76 -22.88
N6A NAD C . 12.84 -7.21 -23.80
N1A NAD C . 10.72 -7.84 -23.13
C2A NAD C . 9.93 -8.45 -22.25
N3A NAD C . 10.26 -9.06 -21.10
C4A NAD C . 11.57 -8.96 -20.88
O3 NAD C . 13.24 -12.13 -12.38
PN NAD C . 12.32 -11.49 -11.24
O1N NAD C . 13.18 -11.41 -10.04
O2N NAD C . 11.04 -12.22 -11.17
O5D NAD C . 12.10 -10.02 -11.81
C5D NAD C . 10.78 -9.51 -12.10
C4D NAD C . 10.71 -8.06 -11.68
O4D NAD C . 10.82 -7.98 -10.23
C3D NAD C . 11.81 -7.14 -12.23
O3D NAD C . 11.33 -5.81 -12.45
C2D NAD C . 12.81 -7.07 -11.06
O2D NAD C . 13.65 -5.93 -11.15
C1D NAD C . 11.80 -7.01 -9.93
N1N NAD C . 12.35 -7.31 -8.53
C2N NAD C . 13.03 -8.44 -8.31
C3N NAD C . 13.53 -8.71 -7.05
C7N NAD C . 14.26 -9.97 -6.67
O7N NAD C . 14.94 -9.99 -5.63
N7N NAD C . 14.27 -10.98 -7.55
C4N NAD C . 13.27 -7.82 -6.02
C5N NAD C . 12.55 -6.67 -6.26
C6N NAD C . 12.09 -6.42 -7.54
O1 3KY D . 17.51 -10.36 -9.56
C19 3KY D . 17.21 -9.28 -9.04
C12 3KY D . 16.59 -8.17 -9.74
C13 3KY D . 16.38 -8.28 -11.21
C18 3KY D . 15.66 -9.32 -11.78
C17 3KY D . 15.53 -9.42 -13.16
C16 3KY D . 16.13 -8.49 -13.99
C15 3KY D . 16.88 -7.47 -13.44
C14 3KY D . 17.00 -7.37 -12.06
C 3KY D . 16.33 -6.99 -9.03
O 3KY D . 15.75 -5.92 -9.66
N 3KY D . 17.45 -9.11 -7.69
C2 3KY D . 17.16 -7.96 -7.00
C1 3KY D . 16.60 -6.91 -7.66
C3 3KY D . 17.56 -7.94 -5.56
C4 3KY D . 19.08 -8.07 -5.39
C11 3KY D . 19.87 -7.09 -6.24
C10 3KY D . 21.37 -7.33 -6.14
C7 3KY D . 21.91 -7.28 -4.70
C9 3KY D . 21.86 -5.84 -4.18
C8 3KY D . 23.37 -7.76 -4.68
C6 3KY D . 21.04 -8.20 -3.82
C5 3KY D . 19.54 -7.95 -3.95
NA NA E . 13.72 -9.05 11.93
PA NAD F . -13.70 12.31 14.11
O1A NAD F . -13.88 13.52 14.98
O2A NAD F . -14.98 11.67 13.66
O5B NAD F . -12.82 11.18 14.82
C5B NAD F . -11.82 11.49 15.80
C4B NAD F . -12.15 10.60 16.96
O4B NAD F . -11.15 10.71 18.00
C3B NAD F . -13.51 10.87 17.62
O3B NAD F . -14.28 9.68 17.67
C2B NAD F . -13.11 11.30 19.05
O2B NAD F . -14.05 10.89 20.02
C1B NAD F . -11.83 10.50 19.21
N9A NAD F . -11.02 10.90 20.35
C8A NAD F . -10.64 12.17 20.73
N7A NAD F . -10.09 12.23 21.91
C5A NAD F . -10.08 10.92 22.33
C6A NAD F . -9.63 10.31 23.53
N6A NAD F . -9.12 10.98 24.57
N1A NAD F . -9.79 8.96 23.64
C2A NAD F . -10.35 8.29 22.64
N3A NAD F . -10.82 8.77 21.48
C4A NAD F . -10.64 10.08 21.39
O3 NAD F . -12.84 12.73 12.84
PN NAD F . -12.13 11.90 11.68
O1N NAD F . -11.87 12.88 10.59
O2N NAD F . -12.91 10.69 11.38
O5D NAD F . -10.73 11.52 12.35
C5D NAD F . -10.32 10.16 12.55
C4D NAD F . -8.84 10.07 12.26
O4D NAD F . -8.60 10.31 10.86
C3D NAD F . -7.94 11.07 13.02
O3D NAD F . -6.68 10.48 13.33
C2D NAD F . -7.72 12.15 11.97
O2D NAD F . -6.56 12.92 12.24
C1D NAD F . -7.58 11.27 10.74
N1N NAD F . -7.71 11.96 9.38
C2N NAD F . -8.79 12.73 9.12
C3N NAD F . -8.91 13.35 7.89
C7N NAD F . -10.09 14.18 7.49
O7N NAD F . -9.99 14.96 6.51
N7N NAD F . -11.17 14.13 8.25
C4N NAD F . -7.91 13.15 6.94
C5N NAD F . -6.83 12.34 7.23
C6N NAD F . -6.74 11.76 8.47
O1 3KY G . -10.60 17.13 10.65
C19 3KY G . -9.49 16.82 10.21
C12 3KY G . -8.49 16.08 10.95
C13 3KY G . -8.75 15.76 12.37
C18 3KY G . -9.87 15.04 12.77
C17 3KY G . -10.13 14.79 14.10
C16 3KY G . -9.28 15.28 15.08
C15 3KY G . -8.18 16.02 14.72
C14 3KY G . -7.92 16.27 13.38
C 3KY G . -7.25 15.83 10.34
O 3KY G . -6.29 15.15 11.03
N 3KY G . -9.17 17.17 8.92
C2 3KY G . -7.96 16.89 8.32
C1 3KY G . -7.02 16.22 9.02
C3 3KY G . -7.79 17.42 6.92
C4 3KY G . -7.83 18.96 6.89
C11 3KY G . -6.90 19.60 7.90
C10 3KY G . -7.06 21.11 7.93
C7 3KY G . -6.86 21.79 6.56
C9 3KY G . -5.38 21.71 6.16
C8 3KY G . -7.28 23.26 6.63
C6 3KY G . -7.73 21.05 5.52
C5 3KY G . -7.54 19.54 5.52
NA NA H . -7.30 15.35 -10.93
#